data_6PQ9
#
_entry.id   6PQ9
#
_cell.length_a   99.410
_cell.length_b   99.410
_cell.length_c   99.470
_cell.angle_alpha   90.000
_cell.angle_beta   90.000
_cell.angle_gamma   90.000
#
_symmetry.space_group_name_H-M   'P 41 21 2'
#
loop_
_entity.id
_entity.type
_entity.pdbx_description
1 polymer Beta-lactamase
2 non-polymer 'ASPARTIC ACID'
3 non-polymer 'ACETATE ION'
4 non-polymer GLYCEROL
5 non-polymer 'SULFATE ION'
6 water water
#
_entity_poly.entity_id   1
_entity_poly.type   'polypeptide(L)'
_entity_poly.pdbx_seq_one_letter_code
;MKKHLVVIAFCVLFASASAFAAKGTDSLKSSIEKYLKDKKAKVGVAVLGIEDNFKLNVNEKHHYPMQGTYKFHLALAVLD
KLDKENISIDKKLFVKKSELLPNTWSPLRDKYPDGNVDLSISEILKATVSRSDNNGCDILFRFVGGTNKVHNFISKLGVK
NISIKATEEEMHKAWNVQYTNWTTPDATVQLLKKFYKNEILSKNSYDYLLNTMIETTTGPKRLKGLLPDGTVVAHKTGSS
DTNDKGITAATNDIGIITLPNGKHFAIAVYVSDSSEKSDVNEKIIAEICKSVWDYLVKD
;
_entity_poly.pdbx_strand_id   A
#
# COMPACT_ATOMS: atom_id res chain seq x y z
N LYS A 23 -13.89 -15.33 -24.30
CA LYS A 23 -12.85 -14.43 -23.82
C LYS A 23 -12.05 -15.12 -22.69
N GLY A 24 -10.85 -14.62 -22.42
CA GLY A 24 -10.02 -15.17 -21.37
C GLY A 24 -10.19 -14.49 -20.03
N THR A 25 -10.56 -13.20 -20.04
CA THR A 25 -10.69 -12.45 -18.80
C THR A 25 -11.79 -13.02 -17.91
N ASP A 26 -12.90 -13.46 -18.51
CA ASP A 26 -13.99 -14.04 -17.72
C ASP A 26 -13.57 -15.36 -17.09
N SER A 27 -12.74 -16.14 -17.79
CA SER A 27 -12.28 -17.40 -17.20
C SER A 27 -11.31 -17.14 -16.05
N LEU A 28 -10.49 -16.09 -16.17
CA LEU A 28 -9.60 -15.73 -15.07
C LEU A 28 -10.41 -15.29 -13.85
N LYS A 29 -11.39 -14.40 -14.05
CA LYS A 29 -12.26 -13.97 -12.96
C LYS A 29 -12.97 -15.15 -12.32
N SER A 30 -13.46 -16.09 -13.14
CA SER A 30 -14.18 -17.24 -12.61
C SER A 30 -13.25 -18.20 -11.90
N SER A 31 -12.00 -18.31 -12.38
CA SER A 31 -11.00 -19.10 -11.68
C SER A 31 -10.71 -18.51 -10.30
N ILE A 32 -10.63 -17.18 -10.21
CA ILE A 32 -10.35 -16.54 -8.94
C ILE A 32 -11.52 -16.73 -7.98
N GLU A 33 -12.75 -16.50 -8.48
CA GLU A 33 -13.94 -16.63 -7.64
C GLU A 33 -14.14 -18.05 -7.16
N LYS A 34 -13.79 -19.04 -7.97
CA LYS A 34 -13.86 -20.43 -7.53
C LYS A 34 -12.83 -20.68 -6.43
N TYR A 35 -11.65 -20.07 -6.55
CA TYR A 35 -10.63 -20.15 -5.52
C TYR A 35 -11.11 -19.54 -4.21
N LEU A 36 -11.81 -18.41 -4.30
CA LEU A 36 -12.26 -17.66 -3.13
C LEU A 36 -13.47 -18.26 -2.45
N LYS A 37 -14.14 -19.23 -3.07
CA LYS A 37 -15.42 -19.72 -2.55
C LYS A 37 -15.26 -20.31 -1.15
N ASP A 38 -14.28 -21.19 -0.95
CA ASP A 38 -14.06 -21.85 0.33
C ASP A 38 -13.13 -21.05 1.28
N LYS A 39 -12.89 -19.77 1.00
CA LYS A 39 -12.04 -18.95 1.85
C LYS A 39 -12.92 -18.08 2.74
N LYS A 40 -12.72 -18.16 4.05
CA LYS A 40 -13.51 -17.38 5.01
C LYS A 40 -12.91 -15.98 5.16
N ALA A 41 -13.12 -15.18 4.12
CA ALA A 41 -12.61 -13.82 4.05
C ALA A 41 -13.37 -13.10 2.95
N LYS A 42 -13.36 -11.78 3.04
CA LYS A 42 -13.87 -10.92 1.97
C LYS A 42 -12.65 -10.40 1.23
N VAL A 43 -12.42 -10.88 0.02
CA VAL A 43 -11.22 -10.57 -0.74
C VAL A 43 -11.58 -9.72 -1.95
N GLY A 44 -10.96 -8.55 -2.06
CA GLY A 44 -11.12 -7.67 -3.20
C GLY A 44 -9.86 -7.64 -4.06
N VAL A 45 -10.06 -7.75 -5.37
CA VAL A 45 -8.96 -7.80 -6.34
C VAL A 45 -9.20 -6.75 -7.40
N ALA A 46 -8.12 -6.09 -7.84
CA ALA A 46 -8.18 -5.27 -9.03
C ALA A 46 -6.84 -5.33 -9.72
N VAL A 47 -6.88 -5.37 -11.04
CA VAL A 47 -5.70 -5.42 -11.90
C VAL A 47 -5.89 -4.41 -13.00
N LEU A 48 -4.82 -3.69 -13.34
CA LEU A 48 -4.85 -2.69 -14.39
C LEU A 48 -3.55 -2.78 -15.17
N GLY A 49 -3.65 -3.11 -16.47
CA GLY A 49 -2.48 -3.03 -17.33
C GLY A 49 -1.93 -1.61 -17.36
N ILE A 50 -0.60 -1.50 -17.44
CA ILE A 50 0.02 -0.18 -17.38
C ILE A 50 0.05 0.47 -18.77
N GLU A 51 0.50 -0.25 -19.79
CA GLU A 51 0.61 0.33 -21.12
C GLU A 51 -0.44 -0.16 -22.11
N ASP A 52 -1.24 -1.16 -21.74
CA ASP A 52 -2.48 -1.45 -22.45
C ASP A 52 -3.64 -1.25 -21.48
N ASN A 53 -4.81 -1.76 -21.85
CA ASN A 53 -6.02 -1.47 -21.10
C ASN A 53 -6.67 -2.73 -20.55
N PHE A 54 -5.82 -3.67 -20.11
CA PHE A 54 -6.32 -4.82 -19.37
C PHE A 54 -6.91 -4.42 -18.02
N LYS A 55 -8.04 -5.00 -17.67
CA LYS A 55 -8.74 -4.66 -16.44
C LYS A 55 -9.43 -5.90 -15.88
N LEU A 56 -9.37 -6.06 -14.56
CA LEU A 56 -10.04 -7.16 -13.88
C LEU A 56 -10.44 -6.71 -12.47
N ASN A 57 -11.69 -7.01 -12.11
CA ASN A 57 -12.23 -6.70 -10.79
C ASN A 57 -12.83 -7.96 -10.20
N VAL A 58 -12.70 -8.12 -8.88
CA VAL A 58 -13.43 -9.12 -8.12
C VAL A 58 -13.84 -8.47 -6.81
N ASN A 59 -15.13 -8.56 -6.49
CA ASN A 59 -15.70 -7.97 -5.27
C ASN A 59 -15.30 -6.50 -5.14
N GLU A 60 -15.52 -5.76 -6.22
CA GLU A 60 -15.05 -4.39 -6.30
C GLU A 60 -15.90 -3.43 -5.46
N LYS A 61 -17.21 -3.67 -5.37
CA LYS A 61 -18.11 -2.77 -4.63
C LYS A 61 -18.10 -3.18 -3.16
N HIS A 62 -17.08 -2.71 -2.45
CA HIS A 62 -16.87 -3.03 -1.05
C HIS A 62 -15.72 -2.15 -0.58
N HIS A 63 -15.76 -1.78 0.70
CA HIS A 63 -14.78 -0.88 1.29
C HIS A 63 -13.78 -1.73 2.08
N TYR A 64 -12.52 -1.75 1.64
CA TYR A 64 -11.57 -2.61 2.32
C TYR A 64 -10.66 -1.77 3.21
N PRO A 65 -10.40 -2.23 4.43
CA PRO A 65 -9.44 -1.52 5.28
C PRO A 65 -8.04 -1.57 4.68
N MET A 66 -7.41 -0.39 4.60
CA MET A 66 -6.14 -0.25 3.89
C MET A 66 -4.93 -0.67 4.71
N GLN A 67 -4.97 -0.46 6.03
CA GLN A 67 -3.81 -0.46 6.91
C GLN A 67 -2.61 0.24 6.29
N GLY A 68 -1.42 -0.40 6.31
CA GLY A 68 -0.20 0.26 5.88
C GLY A 68 -0.12 0.57 4.39
N THR A 69 -1.07 0.11 3.58
CA THR A 69 -0.98 0.46 2.16
C THR A 69 -1.18 1.95 1.94
N TYR A 70 -1.84 2.64 2.86
CA TYR A 70 -2.03 4.06 2.65
C TYR A 70 -0.75 4.87 2.88
N LYS A 71 0.34 4.23 3.32
CA LYS A 71 1.63 4.91 3.36
C LYS A 71 2.12 5.26 1.94
N PHE A 72 1.69 4.47 0.95
CA PHE A 72 1.94 4.84 -0.45
C PHE A 72 1.25 6.16 -0.78
N HIS A 73 -0.05 6.26 -0.47
CA HIS A 73 -0.80 7.49 -0.69
C HIS A 73 -0.13 8.66 0.00
N LEU A 74 0.25 8.47 1.27
CA LEU A 74 0.93 9.51 2.02
C LEU A 74 2.25 9.90 1.35
N ALA A 75 2.99 8.91 0.83
CA ALA A 75 4.26 9.22 0.18
C ALA A 75 4.06 10.09 -1.06
N LEU A 76 3.04 9.79 -1.87
CA LEU A 76 2.63 10.69 -2.96
C LEU A 76 2.41 12.10 -2.47
N ALA A 77 1.65 12.25 -1.38
CA ALA A 77 1.32 13.59 -0.91
C ALA A 77 2.57 14.35 -0.46
N VAL A 78 3.51 13.66 0.21
CA VAL A 78 4.70 14.36 0.68
CA VAL A 78 4.73 14.31 0.68
C VAL A 78 5.58 14.76 -0.50
N LEU A 79 5.78 13.87 -1.47
CA LEU A 79 6.65 14.18 -2.59
C LEU A 79 6.04 15.28 -3.44
N ASP A 80 4.72 15.23 -3.63
CA ASP A 80 4.03 16.28 -4.38
C ASP A 80 4.27 17.65 -3.75
N LYS A 81 4.11 17.73 -2.42
CA LYS A 81 4.42 18.95 -1.69
C LYS A 81 5.87 19.37 -1.91
N LEU A 82 6.81 18.42 -1.86
CA LEU A 82 8.22 18.77 -2.10
C LEU A 82 8.42 19.28 -3.52
N ASP A 83 7.77 18.66 -4.50
CA ASP A 83 7.83 19.13 -5.88
C ASP A 83 7.28 20.54 -6.00
N LYS A 84 6.06 20.77 -5.48
CA LYS A 84 5.38 22.05 -5.72
C LYS A 84 6.06 23.21 -5.00
N GLU A 85 6.62 22.96 -3.82
CA GLU A 85 7.21 24.02 -3.01
C GLU A 85 8.72 24.11 -3.16
N ASN A 86 9.31 23.28 -4.04
CA ASN A 86 10.75 23.28 -4.31
C ASN A 86 11.55 23.08 -3.02
N ILE A 87 11.19 22.04 -2.27
CA ILE A 87 11.88 21.63 -1.06
C ILE A 87 12.70 20.39 -1.38
N SER A 88 13.94 20.34 -0.89
CA SER A 88 14.78 19.19 -1.14
C SER A 88 14.35 18.00 -0.31
N ILE A 89 14.41 16.80 -0.91
CA ILE A 89 14.16 15.59 -0.15
C ILE A 89 15.18 15.41 0.97
N ASP A 90 16.29 16.14 0.92
CA ASP A 90 17.30 16.07 1.97
C ASP A 90 17.05 17.08 3.08
N LYS A 91 16.04 17.94 2.95
CA LYS A 91 15.70 18.86 4.03
C LYS A 91 15.44 18.07 5.32
N LYS A 92 15.94 18.60 6.43
CA LYS A 92 15.86 17.89 7.71
C LYS A 92 14.75 18.47 8.58
N LEU A 93 13.98 17.57 9.19
CA LEU A 93 12.90 17.91 10.11
C LEU A 93 13.28 17.46 11.52
N PHE A 94 13.08 18.33 12.49
CA PHE A 94 13.32 17.97 13.87
C PHE A 94 12.14 17.15 14.39
N VAL A 95 12.45 15.98 14.94
CA VAL A 95 11.44 15.03 15.42
C VAL A 95 11.51 14.99 16.94
N LYS A 96 10.42 15.33 17.60
CA LYS A 96 10.41 15.31 19.06
C LYS A 96 10.37 13.88 19.58
N LYS A 97 11.01 13.67 20.73
CA LYS A 97 10.92 12.39 21.42
C LYS A 97 9.47 11.95 21.58
N SER A 98 8.57 12.89 21.91
CA SER A 98 7.16 12.55 22.11
C SER A 98 6.48 12.00 20.86
N GLU A 99 7.11 12.12 19.69
CA GLU A 99 6.53 11.62 18.43
C GLU A 99 7.04 10.23 18.06
N LEU A 100 8.11 9.76 18.69
CA LEU A 100 8.55 8.38 18.49
C LEU A 100 7.85 7.52 19.55
N LEU A 101 6.58 7.23 19.27
CA LEU A 101 5.74 6.50 20.21
C LEU A 101 6.29 5.09 20.45
N PRO A 102 6.03 4.53 21.65
CA PRO A 102 6.43 3.14 21.93
C PRO A 102 5.32 2.17 21.53
N ASN A 103 5.58 0.86 21.64
CA ASN A 103 4.57 -0.16 21.36
C ASN A 103 3.96 0.03 19.98
N THR A 104 4.79 0.38 19.01
CA THR A 104 4.31 0.51 17.64
C THR A 104 5.48 0.18 16.74
N TRP A 105 5.20 -0.32 15.54
CA TRP A 105 6.27 -0.73 14.67
C TRP A 105 7.02 0.50 14.17
N SER A 106 8.30 0.61 14.53
CA SER A 106 9.01 1.83 14.21
C SER A 106 10.52 1.64 14.27
N PRO A 107 11.15 1.24 13.15
CA PRO A 107 12.62 1.27 13.09
C PRO A 107 13.21 2.63 13.42
N LEU A 108 12.46 3.71 13.16
CA LEU A 108 12.94 5.04 13.49
C LEU A 108 13.15 5.19 14.99
N ARG A 109 12.15 4.79 15.79
CA ARG A 109 12.31 4.87 17.23
C ARG A 109 13.42 3.96 17.71
N ASP A 110 13.57 2.79 17.10
CA ASP A 110 14.64 1.88 17.50
C ASP A 110 16.01 2.46 17.23
N LYS A 111 16.15 3.28 16.18
CA LYS A 111 17.43 3.87 15.85
C LYS A 111 17.71 5.15 16.64
N TYR A 112 16.68 5.93 16.97
CA TYR A 112 16.81 7.16 17.74
C TYR A 112 15.86 7.10 18.93
N PRO A 113 16.19 6.29 19.93
CA PRO A 113 15.24 6.09 21.05
C PRO A 113 15.05 7.33 21.88
N ASP A 114 16.03 8.23 21.88
CA ASP A 114 15.90 9.48 22.61
C ASP A 114 15.22 10.57 21.80
N GLY A 115 15.07 10.39 20.49
CA GLY A 115 14.34 11.39 19.74
C GLY A 115 15.13 12.69 19.69
N ASN A 116 14.41 13.80 19.60
CA ASN A 116 14.99 15.14 19.48
C ASN A 116 16.17 15.16 18.51
N VAL A 117 15.88 14.69 17.29
CA VAL A 117 16.90 14.51 16.27
C VAL A 117 16.42 15.14 14.96
N ASP A 118 17.37 15.64 14.17
CA ASP A 118 17.05 16.17 12.84
C ASP A 118 17.22 15.08 11.80
N LEU A 119 16.11 14.66 11.18
CA LEU A 119 16.11 13.60 10.20
C LEU A 119 15.67 14.15 8.85
N SER A 120 16.37 13.73 7.80
CA SER A 120 15.98 14.16 6.47
C SER A 120 14.66 13.51 6.09
N ILE A 121 13.88 14.23 5.28
CA ILE A 121 12.62 13.68 4.80
C ILE A 121 12.88 12.37 4.05
N SER A 122 13.99 12.32 3.30
CA SER A 122 14.44 11.11 2.65
C SER A 122 14.48 9.92 3.62
N GLU A 123 15.14 10.09 4.77
CA GLU A 123 15.26 8.96 5.70
C GLU A 123 13.91 8.59 6.33
N ILE A 124 13.07 9.59 6.63
CA ILE A 124 11.74 9.29 7.17
C ILE A 124 10.88 8.58 6.13
N LEU A 125 10.97 9.01 4.87
CA LEU A 125 10.20 8.38 3.79
C LEU A 125 10.64 6.95 3.56
N LYS A 126 11.95 6.71 3.56
CA LYS A 126 12.46 5.37 3.38
C LYS A 126 11.92 4.42 4.47
N ALA A 127 12.01 4.85 5.73
CA ALA A 127 11.47 4.05 6.83
C ALA A 127 9.98 3.79 6.66
N THR A 128 9.23 4.81 6.25
CA THR A 128 7.77 4.69 6.18
C THR A 128 7.34 3.78 5.04
N VAL A 129 7.94 3.93 3.86
CA VAL A 129 7.49 3.15 2.71
C VAL A 129 8.14 1.78 2.66
N SER A 130 9.47 1.69 2.76
CA SER A 130 10.12 0.40 2.64
C SER A 130 9.96 -0.46 3.87
N ARG A 131 9.89 0.15 5.05
CA ARG A 131 9.85 -0.61 6.30
C ARG A 131 8.55 -0.37 7.07
N SER A 132 7.65 0.45 6.54
CA SER A 132 6.28 0.59 7.06
C SER A 132 6.27 1.20 8.47
N ASP A 133 7.25 2.06 8.76
CA ASP A 133 7.34 2.75 10.06
C ASP A 133 6.05 3.48 10.40
N ASN A 134 5.51 3.22 11.59
CA ASN A 134 4.29 3.91 12.01
C ASN A 134 4.54 5.32 12.52
N ASN A 135 5.68 5.55 13.19
CA ASN A 135 5.97 6.90 13.64
C ASN A 135 6.43 7.76 12.47
N GLY A 136 7.21 7.20 11.54
CA GLY A 136 7.48 7.87 10.28
C GLY A 136 6.21 8.28 9.56
N CYS A 137 5.22 7.39 9.52
CA CYS A 137 3.93 7.69 8.91
C CYS A 137 3.29 8.93 9.53
N ASP A 138 3.22 8.99 10.86
CA ASP A 138 2.54 10.10 11.51
C ASP A 138 3.36 11.38 11.44
N ILE A 139 4.69 11.28 11.52
CA ILE A 139 5.54 12.43 11.26
C ILE A 139 5.22 13.06 9.90
N LEU A 140 5.10 12.21 8.86
CA LEU A 140 4.84 12.75 7.53
C LEU A 140 3.42 13.29 7.40
N PHE A 141 2.44 12.68 8.10
CA PHE A 141 1.08 13.23 8.07
C PHE A 141 1.08 14.65 8.60
N ARG A 142 1.78 14.86 9.72
CA ARG A 142 1.95 16.20 10.27
C ARG A 142 2.59 17.13 9.26
N PHE A 143 3.59 16.62 8.51
CA PHE A 143 4.31 17.46 7.55
C PHE A 143 3.39 17.95 6.44
N VAL A 144 2.46 17.11 5.97
CA VAL A 144 1.58 17.49 4.86
C VAL A 144 0.27 18.09 5.33
N GLY A 145 0.05 18.24 6.63
CA GLY A 145 -1.11 18.94 7.12
C GLY A 145 -2.25 18.09 7.63
N GLY A 146 -2.08 16.78 7.76
CA GLY A 146 -3.08 15.93 8.34
C GLY A 146 -3.70 14.99 7.31
N THR A 147 -4.53 14.07 7.83
CA THR A 147 -5.14 13.04 7.00
C THR A 147 -6.05 13.65 5.93
N ASN A 148 -6.83 14.66 6.30
CA ASN A 148 -7.73 15.27 5.34
C ASN A 148 -6.97 15.86 4.15
N LYS A 149 -5.78 16.43 4.40
CA LYS A 149 -4.98 16.97 3.31
C LYS A 149 -4.60 15.87 2.32
N VAL A 150 -4.22 14.69 2.82
CA VAL A 150 -3.89 13.59 1.92
C VAL A 150 -5.15 13.15 1.17
N HIS A 151 -6.29 13.10 1.86
CA HIS A 151 -7.54 12.70 1.20
C HIS A 151 -7.88 13.66 0.06
N ASN A 152 -7.76 14.97 0.31
CA ASN A 152 -8.03 15.95 -0.73
C ASN A 152 -7.08 15.81 -1.91
N PHE A 153 -5.78 15.59 -1.63
CA PHE A 153 -4.80 15.47 -2.69
C PHE A 153 -5.10 14.28 -3.59
N ILE A 154 -5.46 13.15 -3.00
CA ILE A 154 -5.82 11.96 -3.77
C ILE A 154 -7.09 12.22 -4.58
N SER A 155 -8.07 12.88 -3.97
CA SER A 155 -9.33 13.19 -4.67
C SER A 155 -9.09 14.13 -5.84
N LYS A 156 -8.28 15.18 -5.63
CA LYS A 156 -7.95 16.12 -6.69
C LYS A 156 -7.20 15.48 -7.85
N LEU A 157 -6.67 14.28 -7.68
CA LEU A 157 -6.10 13.53 -8.81
C LEU A 157 -7.18 12.81 -9.61
N GLY A 158 -8.43 12.85 -9.16
CA GLY A 158 -9.50 12.18 -9.86
C GLY A 158 -9.61 10.71 -9.56
N VAL A 159 -9.18 10.29 -8.36
CA VAL A 159 -9.38 8.92 -7.87
C VAL A 159 -10.31 9.01 -6.68
N LYS A 160 -11.53 8.50 -6.84
CA LYS A 160 -12.49 8.52 -5.74
C LYS A 160 -12.52 7.14 -5.08
N ASN A 161 -13.22 7.10 -3.93
CA ASN A 161 -13.49 5.90 -3.15
C ASN A 161 -12.24 5.48 -2.39
N ILE A 162 -11.48 6.47 -1.93
CA ILE A 162 -10.44 6.26 -0.93
C ILE A 162 -10.78 7.15 0.25
N SER A 163 -10.94 6.55 1.42
CA SER A 163 -11.17 7.29 2.65
C SER A 163 -9.91 7.23 3.51
N ILE A 164 -9.39 8.40 3.87
CA ILE A 164 -8.17 8.51 4.68
C ILE A 164 -8.54 9.40 5.86
N LYS A 165 -8.82 8.78 7.02
CA LYS A 165 -9.29 9.53 8.19
C LYS A 165 -8.45 9.37 9.44
N ALA A 166 -7.59 8.36 9.55
CA ALA A 166 -6.93 8.05 10.82
C ALA A 166 -5.43 7.89 10.66
N THR A 167 -4.69 8.47 11.60
CA THR A 167 -3.25 8.27 11.69
C THR A 167 -2.95 6.88 12.26
N GLU A 168 -1.67 6.54 12.33
CA GLU A 168 -1.33 5.25 12.92
C GLU A 168 -1.65 5.25 14.41
N GLU A 169 -1.33 6.34 15.11
CA GLU A 169 -1.60 6.43 16.54
C GLU A 169 -3.09 6.30 16.83
N GLU A 170 -3.93 6.92 15.98
CA GLU A 170 -5.38 6.77 16.13
C GLU A 170 -5.83 5.33 15.85
N MET A 171 -5.28 4.69 14.81
CA MET A 171 -5.64 3.31 14.50
C MET A 171 -5.21 2.33 15.58
N HIS A 172 -4.22 2.66 16.40
CA HIS A 172 -3.77 1.78 17.47
C HIS A 172 -4.61 1.91 18.74
N LYS A 173 -5.77 2.54 18.65
CA LYS A 173 -6.65 2.59 19.80
C LYS A 173 -7.80 1.62 19.60
N ALA A 174 -9.01 2.14 19.39
CA ALA A 174 -10.15 1.25 19.22
C ALA A 174 -9.98 0.39 17.98
N TRP A 175 -10.49 -0.83 18.09
CA TRP A 175 -10.40 -1.81 17.02
C TRP A 175 -11.04 -1.32 15.73
N ASN A 176 -12.10 -0.52 15.82
N ASN A 176 -12.10 -0.50 15.83
CA ASN A 176 -12.87 -0.16 14.63
CA ASN A 176 -12.90 -0.11 14.67
C ASN A 176 -12.31 1.04 13.88
C ASN A 176 -12.23 0.97 13.83
N VAL A 177 -11.25 1.69 14.39
CA VAL A 177 -10.73 2.88 13.71
C VAL A 177 -10.12 2.52 12.36
N GLN A 178 -9.50 1.34 12.27
CA GLN A 178 -8.83 0.93 11.03
C GLN A 178 -9.80 0.84 9.87
N TYR A 179 -11.10 0.67 10.13
CA TYR A 179 -12.06 0.59 9.04
C TYR A 179 -12.41 1.94 8.45
N THR A 180 -12.00 3.03 9.09
CA THR A 180 -12.23 4.34 8.51
C THR A 180 -11.16 4.74 7.50
N ASN A 181 -10.08 3.97 7.36
CA ASN A 181 -9.15 4.12 6.24
C ASN A 181 -9.50 3.03 5.24
N TRP A 182 -10.36 3.34 4.27
CA TRP A 182 -10.82 2.28 3.37
C TRP A 182 -10.62 2.68 1.92
N THR A 183 -10.73 1.68 1.04
CA THR A 183 -10.54 1.87 -0.38
C THR A 183 -11.33 0.82 -1.13
N THR A 184 -11.69 1.12 -2.39
CA THR A 184 -12.03 0.02 -3.28
C THR A 184 -10.76 -0.48 -3.97
N PRO A 185 -10.77 -1.73 -4.47
CA PRO A 185 -9.60 -2.20 -5.22
C PRO A 185 -9.36 -1.41 -6.50
N ASP A 186 -10.43 -1.00 -7.18
CA ASP A 186 -10.33 -0.17 -8.38
C ASP A 186 -9.54 1.10 -8.12
N ALA A 187 -9.91 1.82 -7.06
CA ALA A 187 -9.24 3.09 -6.77
C ALA A 187 -7.73 2.90 -6.67
N THR A 188 -7.28 1.82 -6.02
CA THR A 188 -5.85 1.60 -5.79
C THR A 188 -5.08 1.47 -7.11
N VAL A 189 -5.52 0.57 -8.02
CA VAL A 189 -4.81 0.36 -9.27
C VAL A 189 -4.87 1.59 -10.16
N GLN A 190 -5.96 2.37 -10.08
CA GLN A 190 -5.98 3.64 -10.81
C GLN A 190 -4.91 4.57 -10.29
N LEU A 191 -4.74 4.63 -8.97
CA LEU A 191 -3.69 5.46 -8.41
C LEU A 191 -2.31 4.90 -8.72
N LEU A 192 -2.13 3.58 -8.58
CA LEU A 192 -0.84 2.98 -8.92
C LEU A 192 -0.44 3.28 -10.37
N LYS A 193 -1.40 3.21 -11.29
CA LYS A 193 -1.07 3.41 -12.71
C LYS A 193 -0.77 4.88 -13.01
N LYS A 194 -1.54 5.81 -12.43
CA LYS A 194 -1.21 7.24 -12.53
C LYS A 194 0.20 7.49 -12.01
N PHE A 195 0.54 6.91 -10.86
CA PHE A 195 1.88 7.03 -10.31
C PHE A 195 2.91 6.44 -11.26
N TYR A 196 2.69 5.20 -11.70
CA TYR A 196 3.73 4.49 -12.42
C TYR A 196 4.01 5.12 -13.77
N LYS A 197 2.96 5.60 -14.46
CA LYS A 197 3.11 6.31 -15.73
C LYS A 197 3.67 7.76 -15.55
N ASN A 198 4.05 8.11 -14.33
CA ASN A 198 4.67 9.40 -14.00
C ASN A 198 3.78 10.58 -14.40
N GLU A 199 2.50 10.49 -14.05
CA GLU A 199 1.57 11.61 -14.18
C GLU A 199 1.33 12.35 -12.87
N ILE A 200 1.99 11.99 -11.77
CA ILE A 200 1.77 12.65 -10.47
C ILE A 200 2.97 13.47 -10.05
N LEU A 201 4.16 12.90 -10.12
CA LEU A 201 5.34 13.48 -9.48
C LEU A 201 6.34 13.98 -10.51
N SER A 202 7.27 14.79 -10.02
CA SER A 202 8.47 15.07 -10.80
C SER A 202 9.25 13.78 -11.02
N LYS A 203 10.18 13.84 -11.98
CA LYS A 203 10.97 12.66 -12.32
C LYS A 203 11.81 12.19 -11.14
N ASN A 204 12.44 13.11 -10.42
CA ASN A 204 13.29 12.71 -9.30
C ASN A 204 12.47 12.11 -8.16
N SER A 205 11.32 12.71 -7.85
CA SER A 205 10.46 12.16 -6.80
C SER A 205 9.95 10.78 -7.19
N TYR A 206 9.45 10.66 -8.42
CA TYR A 206 9.01 9.37 -8.95
C TYR A 206 10.10 8.31 -8.85
N ASP A 207 11.32 8.65 -9.27
CA ASP A 207 12.44 7.70 -9.19
C ASP A 207 12.70 7.26 -7.76
N TYR A 208 12.65 8.20 -6.81
CA TYR A 208 12.89 7.87 -5.42
C TYR A 208 11.80 6.93 -4.89
N LEU A 209 10.53 7.35 -4.98
CA LEU A 209 9.45 6.53 -4.45
C LEU A 209 9.44 5.13 -5.07
N LEU A 210 9.59 5.06 -6.40
CA LEU A 210 9.63 3.75 -7.06
C LEU A 210 10.73 2.86 -6.49
N ASN A 211 11.94 3.40 -6.30
CA ASN A 211 13.04 2.61 -5.75
C ASN A 211 12.73 2.11 -4.33
N THR A 212 12.17 2.98 -3.48
CA THR A 212 11.85 2.51 -2.13
C THR A 212 10.77 1.43 -2.14
N MET A 213 9.95 1.37 -3.19
CA MET A 213 8.90 0.35 -3.26
C MET A 213 9.44 -0.96 -3.80
N ILE A 214 10.50 -0.90 -4.61
CA ILE A 214 11.17 -2.11 -5.07
C ILE A 214 12.08 -2.65 -3.99
N GLU A 215 12.82 -1.78 -3.33
CA GLU A 215 13.80 -2.16 -2.34
C GLU A 215 13.19 -2.38 -0.97
N THR A 216 12.01 -2.95 -0.89
CA THR A 216 11.45 -3.31 0.40
C THR A 216 11.64 -4.80 0.63
N THR A 217 11.74 -5.17 1.89
CA THR A 217 11.92 -6.57 2.21
C THR A 217 10.61 -7.18 2.74
N THR A 218 9.54 -6.38 2.82
CA THR A 218 8.26 -6.80 3.36
C THR A 218 7.49 -7.67 2.36
N GLY A 219 6.49 -8.38 2.89
CA GLY A 219 5.60 -9.22 2.13
C GLY A 219 6.22 -10.12 1.08
N PRO A 220 7.27 -10.89 1.42
CA PRO A 220 7.87 -11.79 0.42
C PRO A 220 6.94 -12.91 0.00
N LYS A 221 5.96 -13.24 0.84
CA LYS A 221 5.02 -14.32 0.57
C LYS A 221 3.69 -13.82 0.00
N ARG A 222 3.59 -12.53 -0.33
CA ARG A 222 2.33 -11.99 -0.83
C ARG A 222 2.35 -11.87 -2.36
N LEU A 223 2.35 -10.66 -2.91
CA LEU A 223 2.33 -10.53 -4.38
C LEU A 223 3.49 -11.27 -5.04
N LYS A 224 4.70 -11.16 -4.47
CA LYS A 224 5.89 -11.82 -4.98
C LYS A 224 5.96 -13.31 -4.63
N GLY A 225 5.02 -13.82 -3.83
CA GLY A 225 5.20 -15.14 -3.24
C GLY A 225 5.53 -16.23 -4.27
N LEU A 226 4.75 -16.30 -5.34
CA LEU A 226 4.88 -17.39 -6.30
C LEU A 226 5.40 -16.94 -7.66
N LEU A 227 5.91 -15.71 -7.76
CA LEU A 227 6.42 -15.22 -9.02
C LEU A 227 7.82 -15.77 -9.26
N PRO A 228 8.27 -15.80 -10.52
CA PRO A 228 9.64 -16.24 -10.80
C PRO A 228 10.67 -15.38 -10.08
N ASP A 229 11.81 -16.00 -9.77
CA ASP A 229 12.87 -15.25 -9.12
C ASP A 229 13.36 -14.12 -10.01
N GLY A 230 13.66 -12.99 -9.39
CA GLY A 230 14.12 -11.85 -10.15
C GLY A 230 13.03 -11.03 -10.83
N THR A 231 11.76 -11.34 -10.60
CA THR A 231 10.69 -10.46 -11.06
C THR A 231 10.73 -9.18 -10.25
N VAL A 232 10.76 -8.03 -10.91
CA VAL A 232 10.78 -6.80 -10.13
C VAL A 232 9.34 -6.42 -9.77
N VAL A 233 9.13 -6.13 -8.50
CA VAL A 233 7.82 -5.82 -7.95
C VAL A 233 8.02 -4.60 -7.07
N ALA A 234 7.36 -3.51 -7.42
CA ALA A 234 7.29 -2.34 -6.56
C ALA A 234 5.97 -2.41 -5.80
N HIS A 235 6.01 -2.55 -4.47
CA HIS A 235 4.77 -2.75 -3.73
C HIS A 235 4.80 -2.07 -2.37
N LYS A 236 3.63 -2.09 -1.73
CA LYS A 236 3.42 -1.67 -0.35
C LYS A 236 2.45 -2.64 0.30
N THR A 237 2.82 -3.16 1.47
CA THR A 237 1.98 -4.10 2.21
C THR A 237 1.11 -3.37 3.24
N GLY A 238 0.09 -4.07 3.71
CA GLY A 238 -0.64 -3.65 4.89
C GLY A 238 -1.06 -4.88 5.67
N SER A 239 -1.09 -4.74 6.99
CA SER A 239 -1.43 -5.85 7.87
C SER A 239 -2.15 -5.32 9.10
N SER A 240 -2.86 -6.20 9.79
CA SER A 240 -3.62 -5.82 10.97
C SER A 240 -3.43 -6.87 12.06
N ASP A 241 -3.98 -6.60 13.24
CA ASP A 241 -4.09 -7.62 14.27
C ASP A 241 -5.26 -8.57 13.98
N THR A 242 -5.39 -9.55 14.87
CA THR A 242 -6.47 -10.52 14.88
C THR A 242 -7.22 -10.37 16.18
N ASN A 243 -8.54 -10.18 16.11
CA ASN A 243 -9.30 -9.99 17.33
C ASN A 243 -9.55 -11.34 18.03
N ASP A 244 -10.22 -11.32 19.19
CA ASP A 244 -10.32 -12.61 19.87
C ASP A 244 -11.48 -13.46 19.37
N LYS A 245 -12.16 -13.08 18.30
CA LYS A 245 -12.97 -14.00 17.52
C LYS A 245 -12.22 -14.54 16.30
N GLY A 246 -10.90 -14.35 16.24
CA GLY A 246 -10.09 -14.92 15.19
C GLY A 246 -10.13 -14.16 13.87
N ILE A 247 -10.69 -12.96 13.85
CA ILE A 247 -10.81 -12.18 12.61
C ILE A 247 -9.58 -11.30 12.44
N THR A 248 -8.84 -11.53 11.35
CA THR A 248 -7.79 -10.61 10.92
C THR A 248 -8.43 -9.60 9.98
N ALA A 249 -8.49 -8.34 10.42
CA ALA A 249 -9.18 -7.31 9.64
C ALA A 249 -8.62 -7.17 8.23
N ALA A 250 -7.28 -7.14 8.08
CA ALA A 250 -6.67 -6.78 6.80
C ALA A 250 -5.32 -7.45 6.60
N THR A 251 -5.17 -8.11 5.44
CA THR A 251 -3.87 -8.58 4.95
C THR A 251 -3.79 -8.18 3.48
N ASN A 252 -2.98 -7.15 3.18
CA ASN A 252 -3.01 -6.53 1.86
C ASN A 252 -1.62 -6.49 1.24
N ASP A 253 -1.60 -6.34 -0.08
CA ASP A 253 -0.38 -6.05 -0.84
C ASP A 253 -0.81 -5.42 -2.15
N ILE A 254 -0.20 -4.29 -2.51
CA ILE A 254 -0.53 -3.54 -3.73
C ILE A 254 0.77 -3.15 -4.44
N GLY A 255 0.75 -3.11 -5.76
CA GLY A 255 1.93 -2.64 -6.44
C GLY A 255 1.89 -2.83 -7.95
N ILE A 256 3.08 -2.69 -8.55
CA ILE A 256 3.31 -2.80 -9.98
C ILE A 256 4.31 -3.92 -10.22
N ILE A 257 3.94 -4.86 -11.08
CA ILE A 257 4.74 -6.04 -11.40
C ILE A 257 5.22 -5.95 -12.84
N THR A 258 6.45 -6.41 -13.09
CA THR A 258 7.04 -6.40 -14.42
C THR A 258 6.90 -7.78 -15.05
N LEU A 259 6.27 -7.84 -16.22
CA LEU A 259 6.09 -9.09 -16.92
C LEU A 259 7.38 -9.47 -17.65
N PRO A 260 7.50 -10.74 -18.07
CA PRO A 260 8.74 -11.15 -18.76
C PRO A 260 9.08 -10.30 -19.98
N ASN A 261 8.08 -9.82 -20.73
CA ASN A 261 8.30 -9.03 -21.93
C ASN A 261 8.65 -7.57 -21.62
N GLY A 262 8.80 -7.20 -20.36
CA GLY A 262 9.13 -5.84 -20.00
C GLY A 262 7.95 -4.93 -19.73
N LYS A 263 6.72 -5.36 -20.01
CA LYS A 263 5.55 -4.58 -19.68
C LYS A 263 5.17 -4.75 -18.21
N HIS A 264 4.15 -4.01 -17.76
CA HIS A 264 3.81 -3.94 -16.35
C HIS A 264 2.29 -4.01 -16.15
N PHE A 265 1.88 -4.41 -14.95
CA PHE A 265 0.49 -4.27 -14.52
C PHE A 265 0.43 -3.87 -13.04
N ALA A 266 -0.55 -3.05 -12.71
CA ALA A 266 -0.83 -2.68 -11.33
C ALA A 266 -1.90 -3.62 -10.76
N ILE A 267 -1.68 -4.08 -9.53
CA ILE A 267 -2.54 -5.06 -8.89
C ILE A 267 -2.67 -4.72 -7.42
N ALA A 268 -3.86 -4.93 -6.88
CA ALA A 268 -4.15 -4.72 -5.47
C ALA A 268 -4.99 -5.89 -4.99
N VAL A 269 -4.59 -6.52 -3.88
CA VAL A 269 -5.35 -7.59 -3.25
C VAL A 269 -5.58 -7.23 -1.79
N TYR A 270 -6.85 -7.21 -1.36
CA TYR A 270 -7.25 -6.94 0.02
C TYR A 270 -7.93 -8.18 0.60
N VAL A 271 -7.27 -8.86 1.53
CA VAL A 271 -7.86 -10.01 2.23
C VAL A 271 -8.38 -9.47 3.57
N SER A 272 -9.69 -9.23 3.64
CA SER A 272 -10.26 -8.49 4.75
C SER A 272 -11.21 -9.38 5.54
N ASP A 273 -11.32 -9.07 6.84
CA ASP A 273 -12.19 -9.79 7.78
C ASP A 273 -12.09 -11.30 7.58
N SER A 274 -10.88 -11.80 7.83
CA SER A 274 -10.53 -13.18 7.53
C SER A 274 -10.48 -14.00 8.82
N SER A 275 -11.13 -15.17 8.78
CA SER A 275 -11.01 -16.18 9.82
C SER A 275 -9.87 -17.16 9.55
N GLU A 276 -9.18 -17.04 8.41
CA GLU A 276 -8.12 -17.97 8.06
C GLU A 276 -6.83 -17.60 8.79
N LYS A 277 -5.94 -18.58 8.89
CA LYS A 277 -4.62 -18.30 9.44
C LYS A 277 -3.86 -17.37 8.51
N SER A 278 -2.81 -16.75 9.07
CA SER A 278 -2.07 -15.75 8.33
C SER A 278 -1.33 -16.33 7.13
N ASP A 279 -0.84 -17.57 7.23
CA ASP A 279 -0.18 -18.13 6.05
C ASP A 279 -1.18 -18.36 4.92
N VAL A 280 -2.45 -18.60 5.25
CA VAL A 280 -3.47 -18.70 4.21
C VAL A 280 -3.78 -17.33 3.61
N ASN A 281 -3.89 -16.30 4.45
CA ASN A 281 -4.18 -14.95 3.94
C ASN A 281 -3.11 -14.48 2.98
N GLU A 282 -1.83 -14.74 3.31
CA GLU A 282 -0.78 -14.37 2.37
C GLU A 282 -0.82 -15.24 1.12
N LYS A 283 -1.09 -16.55 1.29
CA LYS A 283 -1.19 -17.45 0.15
C LYS A 283 -2.27 -17.00 -0.83
N ILE A 284 -3.37 -16.45 -0.33
CA ILE A 284 -4.43 -15.97 -1.20
C ILE A 284 -3.90 -14.87 -2.10
N ILE A 285 -3.19 -13.90 -1.52
CA ILE A 285 -2.56 -12.86 -2.33
C ILE A 285 -1.64 -13.49 -3.36
N ALA A 286 -0.78 -14.40 -2.91
CA ALA A 286 0.20 -15.01 -3.81
C ALA A 286 -0.49 -15.80 -4.93
N GLU A 287 -1.57 -16.51 -4.63
CA GLU A 287 -2.18 -17.36 -5.65
C GLU A 287 -2.93 -16.52 -6.67
N ILE A 288 -3.66 -15.53 -6.20
CA ILE A 288 -4.39 -14.64 -7.11
C ILE A 288 -3.41 -13.93 -8.03
N CYS A 289 -2.34 -13.38 -7.46
CA CYS A 289 -1.32 -12.74 -8.28
C CYS A 289 -0.73 -13.71 -9.30
N LYS A 290 -0.42 -14.93 -8.86
CA LYS A 290 0.12 -15.93 -9.78
C LYS A 290 -0.83 -16.22 -10.92
N SER A 291 -2.13 -16.39 -10.62
CA SER A 291 -3.11 -16.64 -11.68
C SER A 291 -3.14 -15.49 -12.69
N VAL A 292 -3.14 -14.25 -12.19
CA VAL A 292 -3.14 -13.10 -13.08
C VAL A 292 -1.84 -13.05 -13.88
N TRP A 293 -0.72 -13.37 -13.23
CA TRP A 293 0.57 -13.43 -13.92
C TRP A 293 0.54 -14.46 -15.03
N ASP A 294 0.06 -15.67 -14.73
CA ASP A 294 0.00 -16.76 -15.71
C ASP A 294 -0.84 -16.36 -16.92
N TYR A 295 -2.03 -15.80 -16.67
CA TYR A 295 -2.90 -15.40 -17.78
C TYR A 295 -2.22 -14.38 -18.69
N LEU A 296 -1.57 -13.36 -18.11
CA LEU A 296 -0.97 -12.30 -18.91
C LEU A 296 0.32 -12.75 -19.58
N VAL A 297 1.04 -13.69 -18.98
CA VAL A 297 2.20 -14.27 -19.66
C VAL A 297 1.76 -15.02 -20.91
N LYS A 298 0.67 -15.79 -20.80
CA LYS A 298 0.16 -16.60 -21.90
C LYS A 298 -0.42 -15.77 -23.07
#